data_3IMC
#
_entry.id   3IMC
#
_cell.length_a   48.234
_cell.length_b   70.900
_cell.length_c   81.852
_cell.angle_alpha   90.00
_cell.angle_beta   99.22
_cell.angle_gamma   90.00
#
_symmetry.space_group_name_H-M   'P 1 21 1'
#
loop_
_entity.id
_entity.type
_entity.pdbx_description
1 polymer 'Pantothenate synthetase'
2 non-polymer 5-methoxy-1H-indole
3 non-polymer 'SULFATE ION'
4 non-polymer GLYCEROL
5 non-polymer ETHANOL
6 water water
#
_entity_poly.entity_id   1
_entity_poly.type   'polypeptide(L)'
_entity_poly.pdbx_seq_one_letter_code
;AMAIPAFHPGELNVYSAPGDVADVSRALRLTGRRVMLVPTMGALHEGHLALVRAAKRVPGSVVVVSIFVNPMQFGAGGDL
DAYPRTPDDDLAQLRAEGVEIAFTPTTAAMYPDGLRTTVQPGPLAAELEGGPRPTHFAGVLTVVLKLLQIVRPDRVFFGE
KDYQQLVLIRQLVADFNLDVAVVGVPTVREADGLAMSSRNRYLDPAQRAAAVALSAALTAAAHAATAGAQAALDAARAVL
DAAPGVAVDYLELRDIGLGPMPLNGSGRLLVAARLGTTRLLDNIAIEIGTFAGTDRPDGYR
;
_entity_poly.pdbx_strand_id   A,B
#
loop_
_chem_comp.id
_chem_comp.type
_chem_comp.name
_chem_comp.formula
BZ3 non-polymer 5-methoxy-1H-indole 'C9 H9 N O'
EOH non-polymer ETHANOL 'C2 H6 O'
GOL non-polymer GLYCEROL 'C3 H8 O3'
SO4 non-polymer 'SULFATE ION' 'O4 S -2'
#
# COMPACT_ATOMS: atom_id res chain seq x y z
N PRO A 5 -8.44 25.30 -2.05
CA PRO A 5 -9.56 25.15 -2.98
C PRO A 5 -10.91 25.45 -2.32
N ALA A 6 -11.83 26.05 -3.07
CA ALA A 6 -13.16 26.34 -2.57
C ALA A 6 -14.05 25.10 -2.52
N PHE A 7 -14.92 25.06 -1.51
CA PHE A 7 -15.94 24.02 -1.39
C PHE A 7 -17.30 24.68 -1.19
N HIS A 8 -18.18 24.50 -2.18
CA HIS A 8 -19.53 25.03 -2.11
C HIS A 8 -20.49 23.94 -1.63
N PRO A 9 -21.00 24.08 -0.39
CA PRO A 9 -21.85 23.04 0.18
C PRO A 9 -23.19 22.91 -0.53
N GLY A 10 -23.73 21.70 -0.57
CA GLY A 10 -25.00 21.45 -1.23
C GLY A 10 -24.99 21.50 -2.76
N GLU A 11 -23.79 21.50 -3.34
CA GLU A 11 -23.66 21.34 -4.79
C GLU A 11 -22.44 20.47 -5.14
N LEU A 12 -22.34 20.08 -6.40
CA LEU A 12 -21.22 19.23 -6.81
C LEU A 12 -19.98 20.06 -7.04
N ASN A 13 -18.95 19.75 -6.26
CA ASN A 13 -17.61 20.30 -6.42
C ASN A 13 -16.72 19.27 -7.10
N VAL A 14 -16.13 19.67 -8.22
CA VAL A 14 -15.25 18.78 -8.98
C VAL A 14 -13.80 19.19 -8.79
N TYR A 15 -12.99 18.24 -8.32
CA TYR A 15 -11.55 18.45 -8.14
C TYR A 15 -10.77 17.43 -8.96
N SER A 16 -9.75 17.89 -9.67
CA SER A 16 -8.86 17.01 -10.41
C SER A 16 -7.55 16.78 -9.70
N ALA A 17 -7.04 17.80 -9.02
CA ALA A 17 -5.73 17.69 -8.36
C ALA A 17 -5.85 16.87 -7.08
N PRO A 18 -5.04 15.80 -6.95
CA PRO A 18 -5.08 15.04 -5.68
C PRO A 18 -4.94 15.92 -4.43
N GLY A 19 -4.05 16.92 -4.50
CA GLY A 19 -3.87 17.87 -3.39
C GLY A 19 -5.14 18.61 -3.02
N ASP A 20 -5.92 18.99 -4.04
CA ASP A 20 -7.18 19.70 -3.79
C ASP A 20 -8.18 18.86 -3.02
N VAL A 21 -8.45 17.63 -3.48
CA VAL A 21 -9.40 16.78 -2.77
C VAL A 21 -8.89 16.36 -1.38
N ALA A 22 -7.57 16.16 -1.27
CA ALA A 22 -6.96 15.80 0.02
C ALA A 22 -7.18 16.93 1.02
N ASP A 23 -6.99 18.16 0.57
CA ASP A 23 -7.12 19.32 1.45
C ASP A 23 -8.56 19.52 1.89
N VAL A 24 -9.49 19.42 0.94
CA VAL A 24 -10.91 19.58 1.23
C VAL A 24 -11.42 18.47 2.15
N SER A 25 -11.05 17.23 1.87
CA SER A 25 -11.41 16.10 2.72
C SER A 25 -10.90 16.28 4.15
N ARG A 26 -9.62 16.62 4.30
CA ARG A 26 -9.00 16.86 5.60
C ARG A 26 -9.79 17.91 6.37
N ALA A 27 -10.05 19.03 5.70
CA ALA A 27 -10.76 20.14 6.32
C ALA A 27 -12.17 19.74 6.77
N LEU A 28 -12.89 19.01 5.92
CA LEU A 28 -14.23 18.53 6.26
C LEU A 28 -14.20 17.59 7.46
N ARG A 29 -13.24 16.66 7.44
CA ARG A 29 -13.10 15.69 8.50
C ARG A 29 -12.87 16.40 9.84
N LEU A 30 -12.10 17.48 9.79
CA LEU A 30 -11.74 18.25 10.99
C LEU A 30 -12.92 19.06 11.53
N THR A 31 -13.97 19.25 10.74
CA THR A 31 -15.14 19.97 11.22
C THR A 31 -16.25 19.02 11.67
N GLY A 32 -15.96 17.73 11.68
CA GLY A 32 -16.91 16.72 12.18
C GLY A 32 -17.60 15.86 11.14
N ARG A 33 -17.47 16.23 9.87
CA ARG A 33 -18.13 15.44 8.82
C ARG A 33 -17.37 14.14 8.61
N ARG A 34 -18.08 13.09 8.25
CA ARG A 34 -17.47 11.80 7.98
C ARG A 34 -17.39 11.60 6.48
N VAL A 35 -16.18 11.37 5.99
CA VAL A 35 -15.94 11.30 4.55
C VAL A 35 -16.17 9.88 4.04
N MET A 36 -17.04 9.76 3.04
CA MET A 36 -17.35 8.49 2.41
C MET A 36 -16.78 8.48 1.00
N LEU A 37 -16.10 7.39 0.62
CA LEU A 37 -15.52 7.30 -0.71
C LEU A 37 -16.18 6.20 -1.52
N VAL A 38 -16.64 6.56 -2.72
CA VAL A 38 -17.13 5.60 -3.72
C VAL A 38 -16.19 5.61 -4.95
N PRO A 39 -15.24 4.67 -5.00
CA PRO A 39 -14.31 4.66 -6.15
C PRO A 39 -14.92 4.02 -7.38
N THR A 40 -14.88 4.75 -8.48
CA THR A 40 -15.44 4.22 -9.72
C THR A 40 -14.52 4.49 -10.90
N MET A 41 -14.84 3.82 -12.01
CA MET A 41 -14.19 4.12 -13.28
C MET A 41 -15.14 4.84 -14.24
N GLY A 42 -16.10 5.56 -13.66
CA GLY A 42 -17.10 6.28 -14.47
C GLY A 42 -18.07 5.34 -15.18
N ALA A 43 -18.70 5.86 -16.23
CA ALA A 43 -19.78 5.15 -16.91
C ALA A 43 -20.82 4.70 -15.89
N LEU A 44 -21.32 5.66 -15.12
CA LEU A 44 -22.13 5.36 -13.94
C LEU A 44 -23.50 4.82 -14.29
N HIS A 45 -23.90 3.80 -13.56
CA HIS A 45 -25.22 3.20 -13.69
C HIS A 45 -25.86 3.05 -12.31
N GLU A 46 -27.04 2.43 -12.27
CA GLU A 46 -27.80 2.34 -11.03
C GLU A 46 -27.07 1.59 -9.91
N GLY A 47 -26.16 0.69 -10.28
CA GLY A 47 -25.33 0.00 -9.30
C GLY A 47 -24.46 1.00 -8.56
N HIS A 48 -23.83 1.89 -9.31
CA HIS A 48 -23.01 2.93 -8.67
C HIS A 48 -23.88 3.84 -7.83
N LEU A 49 -25.10 4.13 -8.30
CA LEU A 49 -25.99 5.03 -7.56
C LEU A 49 -26.41 4.43 -6.24
N ALA A 50 -26.57 3.11 -6.21
CA ALA A 50 -26.80 2.40 -4.92
C ALA A 50 -25.67 2.63 -3.93
N LEU A 51 -24.43 2.60 -4.44
CA LEU A 51 -23.27 2.85 -3.60
C LEU A 51 -23.32 4.27 -3.04
N VAL A 52 -23.63 5.24 -3.92
CA VAL A 52 -23.72 6.63 -3.52
C VAL A 52 -24.81 6.80 -2.45
N ARG A 53 -25.97 6.20 -2.68
CA ARG A 53 -27.03 6.27 -1.69
C ARG A 53 -26.69 5.65 -0.34
N ALA A 54 -25.99 4.50 -0.36
CA ALA A 54 -25.50 3.89 0.88
C ALA A 54 -24.57 4.82 1.63
N ALA A 55 -23.69 5.50 0.89
CA ALA A 55 -22.75 6.45 1.48
C ALA A 55 -23.47 7.66 2.05
N LYS A 56 -24.48 8.15 1.33
CA LYS A 56 -25.17 9.39 1.68
C LYS A 56 -25.97 9.23 2.96
N ARG A 57 -26.49 8.02 3.19
CA ARG A 57 -27.29 7.74 4.38
C ARG A 57 -26.48 7.64 5.68
N VAL A 58 -25.15 7.55 5.60
CA VAL A 58 -24.32 7.59 6.82
C VAL A 58 -24.47 8.97 7.45
N PRO A 59 -24.94 9.04 8.72
CA PRO A 59 -25.17 10.38 9.27
C PRO A 59 -23.92 11.26 9.30
N GLY A 60 -24.07 12.52 8.87
CA GLY A 60 -22.97 13.47 8.83
C GLY A 60 -22.02 13.24 7.66
N SER A 61 -22.43 12.40 6.72
CA SER A 61 -21.60 12.05 5.57
C SER A 61 -21.32 13.26 4.67
N VAL A 62 -20.10 13.31 4.12
CA VAL A 62 -19.87 14.02 2.86
C VAL A 62 -19.39 12.92 1.91
N VAL A 63 -19.97 12.88 0.71
CA VAL A 63 -19.67 11.81 -0.25
C VAL A 63 -18.69 12.26 -1.31
N VAL A 64 -17.61 11.49 -1.43
CA VAL A 64 -16.62 11.66 -2.51
C VAL A 64 -16.75 10.51 -3.50
N VAL A 65 -17.10 10.83 -4.74
CA VAL A 65 -17.09 9.81 -5.79
C VAL A 65 -15.87 10.04 -6.67
N SER A 66 -14.94 9.07 -6.71
CA SER A 66 -13.82 9.19 -7.64
C SER A 66 -14.20 8.58 -8.99
N ILE A 67 -13.77 9.24 -10.07
CA ILE A 67 -13.95 8.71 -11.41
C ILE A 67 -12.55 8.72 -12.04
N PHE A 68 -12.04 7.52 -12.31
CA PHE A 68 -10.68 7.40 -12.86
C PHE A 68 -10.59 6.06 -13.56
N VAL A 69 -10.37 6.11 -14.88
CA VAL A 69 -10.18 4.87 -15.62
C VAL A 69 -8.72 4.49 -15.51
N ASN A 70 -8.44 3.57 -14.58
CA ASN A 70 -7.08 3.33 -14.11
C ASN A 70 -6.30 2.49 -15.09
N PRO A 71 -5.30 3.07 -15.77
CA PRO A 71 -4.65 2.26 -16.80
C PRO A 71 -3.95 1.01 -16.26
N MET A 72 -3.59 1.02 -14.96
CA MET A 72 -2.76 -0.07 -14.41
C MET A 72 -3.52 -1.39 -14.29
N GLN A 73 -4.85 -1.32 -14.32
CA GLN A 73 -5.64 -2.53 -14.19
C GLN A 73 -6.08 -3.13 -15.52
N PHE A 74 -5.58 -2.54 -16.62
CA PHE A 74 -5.83 -3.06 -17.96
C PHE A 74 -4.56 -3.68 -18.55
N GLY A 75 -4.73 -4.73 -19.36
CA GLY A 75 -3.61 -5.32 -20.08
C GLY A 75 -3.47 -4.63 -21.42
N ALA A 76 -2.33 -4.83 -22.10
CA ALA A 76 -2.07 -4.16 -23.37
C ALA A 76 -3.20 -4.38 -24.39
N GLY A 77 -3.51 -3.30 -25.10
CA GLY A 77 -4.49 -3.26 -26.21
C GLY A 77 -5.56 -4.35 -26.33
N GLY A 78 -6.81 -3.94 -26.46
CA GLY A 78 -7.21 -2.54 -26.49
C GLY A 78 -8.32 -2.25 -25.48
N ASP A 79 -8.26 -2.93 -24.34
CA ASP A 79 -9.27 -2.80 -23.31
C ASP A 79 -9.35 -1.39 -22.74
N LEU A 80 -8.20 -0.74 -22.55
CA LEU A 80 -8.17 0.60 -21.92
C LEU A 80 -8.89 1.60 -22.82
N ASP A 81 -8.58 1.56 -24.11
CA ASP A 81 -9.20 2.47 -25.07
C ASP A 81 -10.70 2.23 -25.25
N ALA A 82 -11.11 0.97 -25.09
CA ALA A 82 -12.49 0.53 -25.32
C ALA A 82 -13.40 0.78 -24.13
N TYR A 83 -12.80 1.10 -22.97
CA TYR A 83 -13.62 1.31 -21.77
C TYR A 83 -14.60 2.47 -21.97
N PRO A 84 -15.89 2.29 -21.62
CA PRO A 84 -16.83 3.38 -21.92
C PRO A 84 -16.55 4.61 -21.11
N ARG A 85 -16.65 5.77 -21.75
CA ARG A 85 -16.45 7.03 -21.05
C ARG A 85 -17.67 7.89 -21.34
N THR A 86 -18.40 8.27 -20.30
CA THR A 86 -19.63 9.08 -20.45
C THR A 86 -19.61 10.18 -19.38
N PRO A 87 -18.59 11.07 -19.43
CA PRO A 87 -18.36 12.04 -18.34
C PRO A 87 -19.55 12.95 -18.06
N ASP A 88 -20.22 13.42 -19.12
CA ASP A 88 -21.34 14.35 -18.94
C ASP A 88 -22.51 13.71 -18.24
N ASP A 89 -22.85 12.49 -18.64
CA ASP A 89 -23.86 11.70 -17.94
C ASP A 89 -23.41 11.43 -16.50
N ASP A 90 -22.14 11.09 -16.30
CA ASP A 90 -21.68 10.75 -14.94
C ASP A 90 -21.91 11.91 -13.97
N LEU A 91 -21.47 13.09 -14.36
CA LEU A 91 -21.56 14.26 -13.47
C LEU A 91 -23.01 14.70 -13.25
N ALA A 92 -23.83 14.58 -14.29
CA ALA A 92 -25.28 14.83 -14.20
C ALA A 92 -25.90 13.93 -13.14
N GLN A 93 -25.53 12.66 -13.17
CA GLN A 93 -26.05 11.72 -12.19
C GLN A 93 -25.62 12.07 -10.78
N LEU A 94 -24.36 12.49 -10.62
CA LEU A 94 -23.88 12.83 -9.28
C LEU A 94 -24.60 14.05 -8.73
N ARG A 95 -24.84 15.05 -9.59
CA ARG A 95 -25.62 16.24 -9.18
C ARG A 95 -27.03 15.87 -8.74
N ALA A 96 -27.68 15.01 -9.54
CA ALA A 96 -29.04 14.54 -9.23
C ALA A 96 -29.09 13.77 -7.91
N GLU A 97 -27.99 13.11 -7.56
CA GLU A 97 -27.90 12.36 -6.32
C GLU A 97 -27.47 13.19 -5.10
N GLY A 98 -27.15 14.47 -5.30
CA GLY A 98 -26.78 15.34 -4.20
C GLY A 98 -25.36 15.11 -3.68
N VAL A 99 -24.52 14.50 -4.51
CA VAL A 99 -23.11 14.31 -4.18
C VAL A 99 -22.39 15.66 -4.18
N GLU A 100 -21.59 15.88 -3.15
CA GLU A 100 -20.89 17.14 -2.99
C GLU A 100 -19.48 17.18 -3.58
N ILE A 101 -18.84 16.01 -3.74
CA ILE A 101 -17.47 15.97 -4.27
C ILE A 101 -17.30 14.88 -5.33
N ALA A 102 -16.79 15.27 -6.50
CA ALA A 102 -16.34 14.33 -7.51
C ALA A 102 -14.83 14.53 -7.66
N PHE A 103 -14.07 13.44 -7.58
CA PHE A 103 -12.61 13.52 -7.74
C PHE A 103 -12.26 12.87 -9.09
N THR A 104 -11.72 13.69 -10.01
CA THR A 104 -11.50 13.27 -11.38
C THR A 104 -10.04 13.48 -11.78
N PRO A 105 -9.13 12.69 -11.20
CA PRO A 105 -7.70 12.92 -11.43
C PRO A 105 -7.25 12.53 -12.84
N THR A 106 -6.14 13.12 -13.28
CA THR A 106 -5.52 12.74 -14.55
C THR A 106 -4.56 11.56 -14.35
N THR A 107 -4.25 10.85 -15.43
CA THR A 107 -3.26 9.76 -15.38
C THR A 107 -1.91 10.28 -14.91
N ALA A 108 -1.49 11.43 -15.42
CA ALA A 108 -0.24 12.02 -14.98
C ALA A 108 -0.20 12.36 -13.48
N ALA A 109 -1.33 12.79 -12.90
CA ALA A 109 -1.35 13.14 -11.47
C ALA A 109 -1.26 11.87 -10.62
N MET A 110 -1.84 10.78 -11.12
CA MET A 110 -1.85 9.52 -10.35
C MET A 110 -0.57 8.72 -10.53
N TYR A 111 0.02 8.82 -11.72
CA TYR A 111 1.19 8.00 -12.09
C TYR A 111 2.35 8.85 -12.65
N PRO A 112 2.79 9.88 -11.88
CA PRO A 112 3.84 10.77 -12.38
C PRO A 112 5.16 10.03 -12.59
N ASP A 113 5.36 8.92 -11.88
CA ASP A 113 6.60 8.15 -12.03
C ASP A 113 6.38 6.81 -12.70
N GLY A 114 5.29 6.67 -13.46
CA GLY A 114 4.92 5.41 -14.05
C GLY A 114 4.60 4.39 -12.98
N LEU A 115 4.83 3.13 -13.29
CA LEU A 115 4.65 2.05 -12.31
C LEU A 115 5.97 1.85 -11.58
N ARG A 116 6.00 2.29 -10.34
CA ARG A 116 7.21 2.17 -9.54
C ARG A 116 6.88 1.28 -8.34
N THR A 117 6.60 1.86 -7.18
CA THR A 117 6.12 1.06 -6.05
C THR A 117 4.69 0.63 -6.36
N THR A 118 4.38 -0.65 -6.16
CA THR A 118 3.02 -1.13 -6.43
C THR A 118 2.59 -2.10 -5.33
N VAL A 119 1.31 -2.44 -5.34
CA VAL A 119 0.79 -3.41 -4.39
C VAL A 119 0.84 -4.77 -5.04
N GLN A 120 1.38 -5.74 -4.32
CA GLN A 120 1.38 -7.14 -4.73
C GLN A 120 0.28 -7.87 -3.96
N PRO A 121 -0.83 -8.23 -4.64
CA PRO A 121 -1.90 -8.94 -3.92
C PRO A 121 -1.44 -10.32 -3.48
N GLY A 122 -2.22 -10.91 -2.59
CA GLY A 122 -2.01 -12.33 -2.22
C GLY A 122 -2.42 -13.28 -3.33
N PRO A 123 -2.30 -14.60 -3.06
CA PRO A 123 -2.51 -15.62 -4.11
C PRO A 123 -3.90 -15.61 -4.75
N LEU A 124 -4.90 -15.06 -4.07
CA LEU A 124 -6.25 -14.97 -4.68
C LEU A 124 -6.26 -14.22 -6.01
N ALA A 125 -5.36 -13.25 -6.14
CA ALA A 125 -5.28 -12.44 -7.35
C ALA A 125 -4.91 -13.24 -8.61
N ALA A 126 -4.38 -14.45 -8.42
CA ALA A 126 -3.96 -15.30 -9.53
C ALA A 126 -5.08 -16.23 -10.02
N GLU A 127 -6.23 -16.20 -9.32
CA GLU A 127 -7.33 -17.14 -9.58
C GLU A 127 -8.53 -16.43 -10.14
N LEU A 128 -9.47 -17.24 -10.67
CA LEU A 128 -10.73 -16.70 -11.18
C LEU A 128 -10.45 -15.58 -12.21
N GLU A 129 -10.85 -14.33 -11.91
CA GLU A 129 -10.61 -13.20 -12.83
C GLU A 129 -9.13 -12.98 -13.13
N GLY A 130 -8.26 -13.32 -12.19
CA GLY A 130 -6.83 -13.06 -12.37
C GLY A 130 -6.08 -14.14 -13.13
N GLY A 131 -6.75 -15.25 -13.44
CA GLY A 131 -6.06 -16.39 -14.08
C GLY A 131 -5.33 -15.98 -15.35
N PRO A 132 -6.07 -15.50 -16.36
CA PRO A 132 -5.49 -15.05 -17.61
C PRO A 132 -5.09 -13.57 -17.61
N ARG A 133 -5.26 -12.92 -16.46
CA ARG A 133 -4.93 -11.51 -16.29
CA ARG A 133 -4.94 -11.51 -16.29
C ARG A 133 -4.14 -11.34 -15.00
N PRO A 134 -2.89 -11.86 -14.97
CA PRO A 134 -2.14 -11.96 -13.73
C PRO A 134 -1.80 -10.64 -13.02
N THR A 135 -1.87 -9.52 -13.73
CA THR A 135 -1.52 -8.20 -13.16
C THR A 135 -2.73 -7.31 -12.86
N HIS A 136 -3.91 -7.78 -13.21
CA HIS A 136 -5.11 -6.98 -13.09
C HIS A 136 -5.35 -6.47 -11.66
N PHE A 137 -5.33 -7.37 -10.69
CA PHE A 137 -5.67 -6.97 -9.33
C PHE A 137 -4.58 -6.17 -8.64
N ALA A 138 -3.32 -6.35 -9.06
CA ALA A 138 -2.26 -5.45 -8.58
C ALA A 138 -2.59 -4.02 -9.01
N GLY A 139 -3.07 -3.86 -10.24
CA GLY A 139 -3.53 -2.54 -10.69
C GLY A 139 -4.68 -1.97 -9.87
N VAL A 140 -5.66 -2.83 -9.56
CA VAL A 140 -6.82 -2.40 -8.80
C VAL A 140 -6.38 -1.99 -7.40
N LEU A 141 -5.65 -2.88 -6.72
CA LEU A 141 -5.28 -2.61 -5.34
C LEU A 141 -4.33 -1.42 -5.19
N THR A 142 -3.46 -1.24 -6.18
CA THR A 142 -2.56 -0.07 -6.17
C THR A 142 -3.36 1.24 -6.25
N VAL A 143 -4.31 1.31 -7.18
CA VAL A 143 -5.09 2.55 -7.30
C VAL A 143 -6.01 2.77 -6.08
N VAL A 144 -6.61 1.70 -5.58
CA VAL A 144 -7.48 1.85 -4.41
C VAL A 144 -6.66 2.31 -3.17
N LEU A 145 -5.46 1.77 -3.00
CA LEU A 145 -4.59 2.23 -1.92
C LEU A 145 -4.34 3.72 -2.07
N LYS A 146 -3.97 4.15 -3.26
CA LYS A 146 -3.70 5.57 -3.48
C LYS A 146 -4.91 6.45 -3.18
N LEU A 147 -6.07 6.04 -3.67
CA LEU A 147 -7.30 6.82 -3.46
C LEU A 147 -7.63 6.91 -1.97
N LEU A 148 -7.43 5.82 -1.24
CA LEU A 148 -7.66 5.81 0.18
C LEU A 148 -6.69 6.78 0.91
N GLN A 149 -5.45 6.87 0.43
CA GLN A 149 -4.48 7.75 1.06
C GLN A 149 -4.76 9.20 0.74
N ILE A 150 -5.25 9.45 -0.46
CA ILE A 150 -5.53 10.81 -0.91
C ILE A 150 -6.76 11.36 -0.19
N VAL A 151 -7.83 10.58 -0.19
CA VAL A 151 -9.12 11.00 0.36
C VAL A 151 -9.27 10.74 1.86
N ARG A 152 -8.61 9.70 2.37
CA ARG A 152 -8.69 9.34 3.79
C ARG A 152 -10.14 9.24 4.27
N PRO A 153 -10.96 8.41 3.60
CA PRO A 153 -12.36 8.28 4.00
C PRO A 153 -12.50 7.45 5.26
N ASP A 154 -13.61 7.64 5.96
CA ASP A 154 -13.98 6.75 7.06
C ASP A 154 -14.48 5.40 6.58
N ARG A 155 -15.16 5.41 5.43
CA ARG A 155 -15.71 4.18 4.85
C ARG A 155 -15.55 4.26 3.35
N VAL A 156 -15.36 3.11 2.74
CA VAL A 156 -15.22 3.02 1.28
C VAL A 156 -16.21 1.96 0.75
N PHE A 157 -16.91 2.28 -0.34
CA PHE A 157 -18.07 1.49 -0.83
C PHE A 157 -17.80 0.78 -2.15
N PHE A 158 -18.09 -0.51 -2.20
CA PHE A 158 -17.88 -1.33 -3.39
C PHE A 158 -19.12 -2.20 -3.60
N GLY A 159 -19.45 -2.45 -4.86
CA GLY A 159 -20.51 -3.41 -5.18
C GLY A 159 -20.10 -4.84 -4.93
N GLU A 160 -21.08 -5.69 -4.65
CA GLU A 160 -20.79 -7.13 -4.53
C GLU A 160 -20.65 -7.83 -5.89
N LYS A 161 -21.03 -7.17 -6.97
CA LYS A 161 -21.00 -7.78 -8.29
C LYS A 161 -19.58 -8.27 -8.63
N ASP A 162 -18.59 -7.42 -8.40
CA ASP A 162 -17.19 -7.80 -8.57
C ASP A 162 -16.71 -8.35 -7.22
N TYR A 163 -17.18 -9.53 -6.88
CA TYR A 163 -17.00 -10.04 -5.53
C TYR A 163 -15.54 -10.33 -5.20
N GLN A 164 -14.83 -10.93 -6.15
CA GLN A 164 -13.39 -11.21 -5.93
C GLN A 164 -12.63 -9.90 -5.66
N GLN A 165 -12.96 -8.86 -6.41
CA GLN A 165 -12.39 -7.55 -6.14
C GLN A 165 -12.65 -7.07 -4.70
N LEU A 166 -13.90 -7.17 -4.24
CA LEU A 166 -14.27 -6.76 -2.89
C LEU A 166 -13.47 -7.54 -1.85
N VAL A 167 -13.37 -8.86 -2.03
CA VAL A 167 -12.59 -9.69 -1.10
C VAL A 167 -11.14 -9.23 -1.07
N LEU A 168 -10.59 -8.92 -2.26
CA LEU A 168 -9.17 -8.52 -2.33
C LEU A 168 -8.97 -7.15 -1.67
N ILE A 169 -9.97 -6.28 -1.80
CA ILE A 169 -9.91 -4.98 -1.10
C ILE A 169 -9.97 -5.14 0.42
N ARG A 170 -10.80 -6.04 0.91
CA ARG A 170 -10.81 -6.35 2.33
C ARG A 170 -9.44 -6.86 2.77
N GLN A 171 -8.82 -7.68 1.92
CA GLN A 171 -7.46 -8.19 2.22
C GLN A 171 -6.47 -7.03 2.29
N LEU A 172 -6.51 -6.13 1.31
CA LEU A 172 -5.66 -4.93 1.32
C LEU A 172 -5.79 -4.16 2.63
N VAL A 173 -7.03 -3.87 3.01
CA VAL A 173 -7.32 -3.09 4.20
C VAL A 173 -6.82 -3.79 5.48
N ALA A 174 -7.10 -5.08 5.62
CA ALA A 174 -6.58 -5.86 6.75
C ALA A 174 -5.05 -5.93 6.77
N ASP A 175 -4.47 -6.30 5.64
CA ASP A 175 -3.05 -6.62 5.56
C ASP A 175 -2.13 -5.41 5.74
N PHE A 176 -2.62 -4.25 5.31
CA PHE A 176 -1.85 -3.02 5.48
C PHE A 176 -2.36 -2.14 6.64
N ASN A 177 -3.25 -2.68 7.49
CA ASN A 177 -3.69 -1.95 8.69
C ASN A 177 -4.37 -0.60 8.38
N LEU A 178 -5.08 -0.57 7.26
CA LEU A 178 -5.74 0.67 6.84
C LEU A 178 -6.94 0.97 7.72
N ASP A 179 -7.04 2.24 8.13
CA ASP A 179 -8.06 2.68 9.07
C ASP A 179 -9.25 3.17 8.23
N VAL A 180 -9.93 2.22 7.63
CA VAL A 180 -11.14 2.50 6.85
C VAL A 180 -12.05 1.28 6.94
N ALA A 181 -13.36 1.51 6.97
CA ALA A 181 -14.32 0.41 6.91
C ALA A 181 -14.68 0.17 5.46
N VAL A 182 -14.59 -1.10 5.05
CA VAL A 182 -15.01 -1.51 3.70
C VAL A 182 -16.48 -1.94 3.75
N VAL A 183 -17.32 -1.28 2.94
CA VAL A 183 -18.74 -1.57 2.87
C VAL A 183 -19.09 -2.20 1.52
N GLY A 184 -19.56 -3.44 1.55
CA GLY A 184 -20.01 -4.13 0.35
C GLY A 184 -21.50 -3.94 0.22
N VAL A 185 -21.94 -3.52 -0.96
CA VAL A 185 -23.35 -3.23 -1.22
C VAL A 185 -23.93 -4.28 -2.18
N PRO A 186 -25.07 -4.89 -1.84
CA PRO A 186 -25.65 -5.92 -2.71
C PRO A 186 -25.89 -5.46 -4.14
N THR A 187 -25.65 -6.38 -5.06
CA THR A 187 -25.73 -6.12 -6.48
C THR A 187 -27.13 -5.62 -6.89
N VAL A 188 -27.15 -4.48 -7.56
CA VAL A 188 -28.37 -3.97 -8.20
C VAL A 188 -28.59 -4.72 -9.51
N ARG A 189 -29.85 -5.09 -9.75
CA ARG A 189 -30.20 -5.89 -10.93
C ARG A 189 -31.30 -5.25 -11.77
N GLU A 190 -31.28 -5.53 -13.07
CA GLU A 190 -32.40 -5.18 -13.94
C GLU A 190 -33.62 -6.01 -13.53
N ALA A 191 -34.79 -5.63 -14.03
CA ALA A 191 -36.03 -6.31 -13.64
C ALA A 191 -36.03 -7.84 -13.82
N ASP A 192 -35.32 -8.33 -14.85
CA ASP A 192 -35.25 -9.76 -15.13
C ASP A 192 -34.13 -10.47 -14.38
N GLY A 193 -33.36 -9.71 -13.58
CA GLY A 193 -32.26 -10.28 -12.82
C GLY A 193 -30.85 -9.92 -13.26
N LEU A 194 -30.69 -9.39 -14.47
CA LEU A 194 -29.34 -9.13 -15.01
C LEU A 194 -28.58 -8.16 -14.10
N ALA A 195 -27.38 -8.53 -13.67
CA ALA A 195 -26.58 -7.64 -12.83
C ALA A 195 -26.22 -6.37 -13.59
N MET A 196 -26.34 -5.21 -12.93
CA MET A 196 -25.87 -3.97 -13.54
C MET A 196 -24.39 -4.04 -13.87
N SER A 197 -24.02 -3.48 -15.03
CA SER A 197 -22.61 -3.42 -15.45
C SER A 197 -22.51 -2.43 -16.58
N SER A 198 -21.38 -1.72 -16.62
CA SER A 198 -21.07 -0.85 -17.79
C SER A 198 -20.81 -1.65 -19.07
N ARG A 199 -20.71 -2.97 -18.97
CA ARG A 199 -20.52 -3.79 -20.15
C ARG A 199 -21.84 -4.27 -20.76
N ASN A 200 -22.96 -4.06 -20.07
CA ASN A 200 -24.27 -4.48 -20.56
C ASN A 200 -24.65 -3.75 -21.84
N ARG A 201 -24.11 -2.55 -22.01
CA ARG A 201 -24.32 -1.77 -23.26
C ARG A 201 -23.81 -2.48 -24.52
N TYR A 202 -22.93 -3.48 -24.35
CA TYR A 202 -22.38 -4.19 -25.50
C TYR A 202 -23.14 -5.47 -25.85
N LEU A 203 -24.26 -5.70 -25.17
CA LEU A 203 -25.15 -6.82 -25.51
C LEU A 203 -26.17 -6.40 -26.56
N ASP A 204 -26.17 -7.06 -27.70
CA ASP A 204 -27.25 -6.78 -28.65
C ASP A 204 -28.57 -7.36 -28.10
N PRO A 205 -29.72 -7.05 -28.72
CA PRO A 205 -30.98 -7.57 -28.17
C PRO A 205 -31.01 -9.09 -27.90
N ALA A 206 -30.46 -9.90 -28.81
CA ALA A 206 -30.44 -11.35 -28.61
C ALA A 206 -29.58 -11.72 -27.41
N GLN A 207 -28.39 -11.09 -27.33
CA GLN A 207 -27.43 -11.36 -26.25
C GLN A 207 -28.00 -10.89 -24.94
N ARG A 208 -28.69 -9.76 -24.97
CA ARG A 208 -29.36 -9.24 -23.76
C ARG A 208 -30.39 -10.24 -23.24
N ALA A 209 -31.15 -10.84 -24.15
CA ALA A 209 -32.16 -11.83 -23.76
C ALA A 209 -31.48 -13.04 -23.14
N ALA A 210 -30.40 -13.50 -23.77
CA ALA A 210 -29.69 -14.71 -23.33
C ALA A 210 -28.96 -14.49 -22.00
N ALA A 211 -28.51 -13.26 -21.78
CA ALA A 211 -27.74 -12.92 -20.57
C ALA A 211 -28.48 -13.15 -19.26
N VAL A 212 -29.82 -13.20 -19.30
CA VAL A 212 -30.62 -13.50 -18.11
C VAL A 212 -30.21 -14.85 -17.50
N ALA A 213 -29.62 -15.73 -18.31
CA ALA A 213 -29.21 -17.06 -17.82
C ALA A 213 -28.23 -17.02 -16.64
N LEU A 214 -27.39 -15.99 -16.56
CA LEU A 214 -26.42 -15.96 -15.46
C LEU A 214 -27.13 -15.83 -14.13
N SER A 215 -28.00 -14.84 -14.00
CA SER A 215 -28.71 -14.63 -12.73
C SER A 215 -29.73 -15.74 -12.47
N ALA A 216 -30.39 -16.24 -13.54
CA ALA A 216 -31.33 -17.35 -13.40
C ALA A 216 -30.61 -18.58 -12.88
N ALA A 217 -29.43 -18.84 -13.42
CA ALA A 217 -28.60 -19.99 -12.99
C ALA A 217 -28.20 -19.88 -11.53
N LEU A 218 -27.70 -18.71 -11.14
CA LEU A 218 -27.29 -18.47 -9.74
C LEU A 218 -28.44 -18.59 -8.76
N THR A 219 -29.59 -18.00 -9.07
CA THR A 219 -30.73 -18.06 -8.18
C THR A 219 -31.33 -19.48 -8.10
N ALA A 220 -31.35 -20.19 -9.23
CA ALA A 220 -31.74 -21.63 -9.22
C ALA A 220 -30.81 -22.39 -8.28
N ALA A 221 -29.50 -22.19 -8.44
CA ALA A 221 -28.50 -22.84 -7.55
C ALA A 221 -28.76 -22.54 -6.08
N ALA A 222 -29.04 -21.28 -5.76
CA ALA A 222 -29.22 -20.88 -4.36
C ALA A 222 -30.38 -21.62 -3.72
N HIS A 223 -31.43 -21.88 -4.51
CA HIS A 223 -32.59 -22.62 -3.98
C HIS A 223 -32.40 -24.12 -4.00
N ALA A 224 -31.66 -24.61 -4.99
CA ALA A 224 -31.29 -26.02 -5.12
C ALA A 224 -30.41 -26.48 -3.97
N ALA A 225 -29.75 -25.53 -3.32
CA ALA A 225 -28.65 -25.83 -2.40
C ALA A 225 -29.12 -26.52 -1.13
N THR A 226 -30.43 -26.56 -0.90
CA THR A 226 -30.95 -27.35 0.24
C THR A 226 -30.56 -28.81 0.06
N ALA A 227 -30.37 -29.22 -1.20
CA ALA A 227 -30.04 -30.59 -1.56
C ALA A 227 -28.54 -30.82 -1.74
N GLY A 228 -27.73 -29.79 -1.48
CA GLY A 228 -26.27 -29.95 -1.43
C GLY A 228 -25.54 -29.24 -2.55
N ALA A 229 -24.21 -29.25 -2.49
CA ALA A 229 -23.40 -28.52 -3.45
C ALA A 229 -23.52 -29.04 -4.89
N GLN A 230 -23.52 -30.36 -5.06
CA GLN A 230 -23.63 -30.92 -6.40
C GLN A 230 -24.94 -30.48 -7.05
N ALA A 231 -26.02 -30.53 -6.29
CA ALA A 231 -27.35 -30.17 -6.80
C ALA A 231 -27.35 -28.71 -7.25
N ALA A 232 -26.75 -27.87 -6.43
CA ALA A 232 -26.66 -26.42 -6.70
C ALA A 232 -25.87 -26.17 -7.99
N LEU A 233 -24.68 -26.76 -8.07
CA LEU A 233 -23.84 -26.57 -9.26
C LEU A 233 -24.51 -27.12 -10.51
N ASP A 234 -25.15 -28.29 -10.38
CA ASP A 234 -25.78 -28.91 -11.55
C ASP A 234 -27.00 -28.12 -12.02
N ALA A 235 -27.75 -27.53 -11.09
CA ALA A 235 -28.90 -26.69 -11.47
C ALA A 235 -28.40 -25.49 -12.22
N ALA A 236 -27.35 -24.84 -11.72
CA ALA A 236 -26.79 -23.68 -12.44
C ALA A 236 -26.28 -24.09 -13.81
N ARG A 237 -25.56 -25.20 -13.88
CA ARG A 237 -25.02 -25.68 -15.16
C ARG A 237 -26.16 -25.92 -16.16
N ALA A 238 -27.24 -26.55 -15.71
CA ALA A 238 -28.37 -26.85 -16.58
C ALA A 238 -28.95 -25.58 -17.22
N VAL A 239 -29.12 -24.53 -16.42
CA VAL A 239 -29.65 -23.24 -16.91
C VAL A 239 -28.67 -22.63 -17.89
N LEU A 240 -27.38 -22.65 -17.55
CA LEU A 240 -26.36 -22.08 -18.48
C LEU A 240 -26.30 -22.86 -19.79
N ASP A 241 -26.41 -24.18 -19.69
CA ASP A 241 -26.43 -25.08 -20.86
C ASP A 241 -27.64 -24.82 -21.77
N ALA A 242 -28.73 -24.34 -21.18
CA ALA A 242 -29.97 -24.08 -21.92
C ALA A 242 -29.95 -22.74 -22.65
N ALA A 243 -28.87 -21.97 -22.46
CA ALA A 243 -28.84 -20.58 -22.93
C ALA A 243 -28.09 -20.41 -24.23
N PRO A 244 -28.72 -19.73 -25.21
CA PRO A 244 -28.17 -19.58 -26.54
C PRO A 244 -26.99 -18.62 -26.55
N GLY A 245 -25.81 -19.14 -26.87
CA GLY A 245 -24.65 -18.28 -27.08
C GLY A 245 -24.08 -17.72 -25.79
N VAL A 246 -24.30 -18.42 -24.70
CA VAL A 246 -23.57 -18.14 -23.45
C VAL A 246 -22.42 -19.13 -23.38
N ALA A 247 -21.19 -18.61 -23.37
CA ALA A 247 -20.01 -19.45 -23.28
C ALA A 247 -19.40 -19.28 -21.90
N VAL A 248 -19.51 -20.31 -21.08
CA VAL A 248 -19.05 -20.17 -19.69
C VAL A 248 -17.54 -20.24 -19.61
N ASP A 249 -16.97 -19.26 -18.89
CA ASP A 249 -15.56 -19.28 -18.60
CA ASP A 249 -15.56 -19.25 -18.58
C ASP A 249 -15.32 -20.07 -17.32
N TYR A 250 -16.00 -19.71 -16.24
CA TYR A 250 -15.97 -20.52 -15.03
C TYR A 250 -17.28 -20.44 -14.25
N LEU A 251 -17.54 -21.49 -13.48
CA LEU A 251 -18.65 -21.50 -12.53
C LEU A 251 -18.09 -22.23 -11.32
N GLU A 252 -17.93 -21.50 -10.21
CA GLU A 252 -17.25 -22.05 -9.04
C GLU A 252 -17.95 -21.68 -7.76
N LEU A 253 -18.04 -22.66 -6.86
CA LEU A 253 -18.64 -22.50 -5.57
C LEU A 253 -17.51 -22.54 -4.57
N ARG A 254 -17.30 -21.44 -3.88
CA ARG A 254 -16.21 -21.33 -2.92
C ARG A 254 -16.68 -20.89 -1.55
N ASP A 255 -15.82 -21.06 -0.55
CA ASP A 255 -16.02 -20.39 0.72
C ASP A 255 -16.17 -18.88 0.50
N ILE A 256 -16.90 -18.21 1.39
CA ILE A 256 -17.17 -16.78 1.23
C ILE A 256 -15.92 -15.90 1.14
N GLY A 257 -14.80 -16.34 1.73
CA GLY A 257 -13.58 -15.55 1.60
C GLY A 257 -12.75 -15.89 0.39
N LEU A 258 -13.22 -16.86 -0.41
CA LEU A 258 -12.55 -17.32 -1.65
C LEU A 258 -11.13 -17.84 -1.44
N GLY A 259 -10.76 -18.01 -0.18
CA GLY A 259 -9.37 -18.28 0.21
C GLY A 259 -9.10 -19.76 0.37
N PRO A 260 -8.00 -20.09 1.04
CA PRO A 260 -7.54 -21.47 1.18
C PRO A 260 -8.31 -22.26 2.22
N MET A 261 -9.63 -22.28 2.08
CA MET A 261 -10.50 -22.98 3.01
C MET A 261 -11.62 -23.67 2.24
N PRO A 262 -12.01 -24.87 2.69
CA PRO A 262 -13.06 -25.55 1.96
C PRO A 262 -14.43 -24.94 2.23
N LEU A 263 -15.34 -25.20 1.30
CA LEU A 263 -16.72 -24.80 1.48
C LEU A 263 -17.31 -25.51 2.69
N ASN A 264 -17.84 -24.74 3.63
CA ASN A 264 -18.49 -25.31 4.79
C ASN A 264 -19.75 -24.52 5.12
N GLY A 265 -20.83 -24.78 4.40
CA GLY A 265 -22.13 -24.20 4.81
C GLY A 265 -22.48 -22.79 4.36
N SER A 266 -21.49 -21.90 4.28
CA SER A 266 -21.71 -20.56 3.69
C SER A 266 -20.73 -20.34 2.56
N GLY A 267 -21.27 -20.16 1.37
CA GLY A 267 -20.44 -20.11 0.18
C GLY A 267 -20.81 -18.93 -0.71
N ARG A 268 -20.02 -18.76 -1.75
CA ARG A 268 -20.34 -17.84 -2.81
C ARG A 268 -20.22 -18.59 -4.13
N LEU A 269 -21.25 -18.46 -4.97
CA LEU A 269 -21.20 -19.10 -6.28
C LEU A 269 -20.89 -17.99 -7.27
N LEU A 270 -19.82 -18.17 -8.05
CA LEU A 270 -19.36 -17.12 -8.97
C LEU A 270 -19.42 -17.63 -10.40
N VAL A 271 -19.87 -16.77 -11.32
CA VAL A 271 -19.87 -17.17 -12.72
C VAL A 271 -19.24 -16.06 -13.57
N ALA A 272 -18.54 -16.45 -14.63
CA ALA A 272 -18.11 -15.53 -15.67
C ALA A 272 -18.42 -16.18 -17.00
N ALA A 273 -18.98 -15.42 -17.95
CA ALA A 273 -19.37 -16.01 -19.22
C ALA A 273 -19.22 -14.97 -20.30
N ARG A 274 -19.04 -15.43 -21.53
CA ARG A 274 -18.93 -14.52 -22.66
C ARG A 274 -20.18 -14.62 -23.51
N LEU A 275 -20.70 -13.44 -23.89
CA LEU A 275 -21.77 -13.36 -24.88
C LEU A 275 -21.20 -12.59 -26.05
N GLY A 276 -20.83 -13.32 -27.11
CA GLY A 276 -20.02 -12.70 -28.16
C GLY A 276 -18.67 -12.30 -27.54
N THR A 277 -18.32 -11.03 -27.66
CA THR A 277 -17.06 -10.54 -27.10
C THR A 277 -17.23 -9.98 -25.68
N THR A 278 -18.48 -9.92 -25.22
CA THR A 278 -18.78 -9.29 -23.92
C THR A 278 -18.69 -10.28 -22.79
N ARG A 279 -17.79 -10.01 -21.84
CA ARG A 279 -17.61 -10.91 -20.70
C ARG A 279 -18.41 -10.35 -19.53
N LEU A 280 -19.31 -11.18 -19.01
CA LEU A 280 -20.18 -10.78 -17.90
C LEU A 280 -19.82 -11.60 -16.67
N LEU A 281 -19.97 -10.97 -15.50
CA LEU A 281 -19.77 -11.61 -14.19
C LEU A 281 -21.04 -11.54 -13.39
N ASP A 282 -21.21 -12.52 -12.50
CA ASP A 282 -22.26 -12.43 -11.50
C ASP A 282 -21.90 -13.39 -10.38
N ASN A 283 -22.53 -13.21 -9.23
CA ASN A 283 -22.29 -14.13 -8.11
C ASN A 283 -23.45 -14.04 -7.14
N ILE A 284 -23.55 -15.03 -6.26
CA ILE A 284 -24.64 -15.06 -5.28
C ILE A 284 -24.17 -15.77 -4.02
N ALA A 285 -24.76 -15.38 -2.89
CA ALA A 285 -24.58 -16.12 -1.62
C ALA A 285 -25.25 -17.46 -1.74
N ILE A 286 -24.60 -18.48 -1.21
CA ILE A 286 -25.15 -19.86 -1.22
C ILE A 286 -25.09 -20.35 0.22
N GLU A 287 -26.22 -20.88 0.73
CA GLU A 287 -26.21 -21.61 2.01
C GLU A 287 -26.44 -23.08 1.72
N ILE A 288 -25.54 -23.93 2.22
CA ILE A 288 -25.61 -25.34 1.88
C ILE A 288 -26.47 -26.08 2.91
N GLY A 289 -27.50 -26.77 2.43
CA GLY A 289 -28.42 -27.50 3.30
C GLY A 289 -29.31 -26.62 4.17
N THR A 290 -29.68 -25.46 3.63
CA THR A 290 -30.40 -24.41 4.37
C THR A 290 -31.56 -23.87 3.54
N PHE A 291 -32.78 -23.99 4.08
CA PHE A 291 -34.03 -23.64 3.40
C PHE A 291 -34.63 -22.35 3.97
N ALA B 3 -13.25 2.48 24.68
CA ALA B 3 -12.37 3.14 25.69
C ALA B 3 -10.89 3.13 25.27
N ILE B 4 -10.28 4.32 25.26
CA ILE B 4 -8.89 4.48 24.84
C ILE B 4 -7.96 3.87 25.91
N PRO B 5 -6.94 3.08 25.48
CA PRO B 5 -6.01 2.49 26.46
C PRO B 5 -5.32 3.56 27.29
N ALA B 6 -4.87 3.18 28.49
CA ALA B 6 -4.20 4.12 29.39
C ALA B 6 -2.91 4.68 28.79
N PHE B 7 -2.74 5.99 28.90
CA PHE B 7 -1.51 6.65 28.51
C PHE B 7 -1.06 7.60 29.63
N HIS B 8 0.13 7.38 30.14
CA HIS B 8 0.69 8.19 31.22
C HIS B 8 1.76 9.10 30.67
N PRO B 9 1.45 10.40 30.59
CA PRO B 9 2.37 11.44 30.11
C PRO B 9 3.69 11.40 30.86
N GLY B 10 4.79 11.54 30.12
CA GLY B 10 6.12 11.59 30.71
C GLY B 10 6.71 10.27 31.14
N GLU B 11 5.99 9.17 30.92
CA GLU B 11 6.53 7.84 31.20
C GLU B 11 6.62 7.04 29.90
N LEU B 12 7.40 5.96 29.91
CA LEU B 12 7.41 5.04 28.76
C LEU B 12 6.20 4.12 28.81
N ASN B 13 5.25 4.38 27.92
CA ASN B 13 4.07 3.54 27.76
C ASN B 13 4.31 2.50 26.69
N VAL B 14 4.22 1.23 27.09
CA VAL B 14 4.52 0.12 26.19
C VAL B 14 3.25 -0.59 25.72
N TYR B 15 3.10 -0.70 24.39
CA TYR B 15 1.94 -1.35 23.76
C TYR B 15 2.40 -2.40 22.77
N SER B 16 1.79 -3.58 22.84
CA SER B 16 2.11 -4.65 21.92
C SER B 16 1.02 -4.88 20.89
N ALA B 17 -0.21 -4.45 21.18
CA ALA B 17 -1.32 -4.63 20.25
C ALA B 17 -1.37 -3.46 19.27
N PRO B 18 -1.34 -3.74 17.94
CA PRO B 18 -1.48 -2.66 16.97
C PRO B 18 -2.67 -1.72 17.23
N GLY B 19 -3.83 -2.30 17.57
CA GLY B 19 -5.01 -1.49 17.82
C GLY B 19 -4.84 -0.54 18.99
N ASP B 20 -4.12 -0.96 20.01
CA ASP B 20 -3.86 -0.11 21.17
C ASP B 20 -3.02 1.12 20.82
N VAL B 21 -1.90 0.91 20.16
CA VAL B 21 -1.04 2.04 19.81
C VAL B 21 -1.75 2.94 18.79
N ALA B 22 -2.57 2.35 17.93
CA ALA B 22 -3.35 3.12 16.97
C ALA B 22 -4.33 4.06 17.67
N ASP B 23 -5.05 3.52 18.67
CA ASP B 23 -6.03 4.31 19.42
C ASP B 23 -5.39 5.41 20.25
N VAL B 24 -4.28 5.09 20.93
CA VAL B 24 -3.53 6.07 21.69
C VAL B 24 -2.95 7.18 20.80
N SER B 25 -2.36 6.80 19.67
CA SER B 25 -1.79 7.79 18.75
C SER B 25 -2.88 8.75 18.26
N ARG B 26 -4.03 8.20 17.87
CA ARG B 26 -5.16 8.98 17.38
C ARG B 26 -5.63 9.96 18.46
N ALA B 27 -5.82 9.44 19.67
CA ALA B 27 -6.23 10.27 20.81
C ALA B 27 -5.24 11.40 21.08
N LEU B 28 -3.95 11.08 21.08
CA LEU B 28 -2.91 12.08 21.34
C LEU B 28 -2.84 13.17 20.28
N ARG B 29 -3.00 12.80 19.01
CA ARG B 29 -2.98 13.83 17.97
C ARG B 29 -4.17 14.79 18.08
N LEU B 30 -5.29 14.27 18.57
CA LEU B 30 -6.47 15.11 18.84
C LEU B 30 -6.25 16.07 20.01
N THR B 31 -5.32 15.75 20.91
CA THR B 31 -4.99 16.61 22.06
C THR B 31 -3.92 17.65 21.76
N GLY B 32 -3.51 17.76 20.51
CA GLY B 32 -2.49 18.74 20.12
C GLY B 32 -1.06 18.25 20.26
N ARG B 33 -0.85 16.94 20.10
CA ARG B 33 0.50 16.40 20.00
C ARG B 33 0.80 16.09 18.52
N ARG B 34 2.08 16.13 18.15
CA ARG B 34 2.51 15.72 16.82
C ARG B 34 3.23 14.38 16.99
N VAL B 35 2.72 13.37 16.32
CA VAL B 35 3.21 12.00 16.51
C VAL B 35 4.42 11.73 15.63
N MET B 36 5.53 11.32 16.27
CA MET B 36 6.78 11.06 15.57
C MET B 36 7.08 9.58 15.67
N LEU B 37 7.37 8.94 14.55
CA LEU B 37 7.63 7.49 14.54
C LEU B 37 9.08 7.20 14.19
N VAL B 38 9.70 6.36 15.03
CA VAL B 38 11.08 5.92 14.82
C VAL B 38 11.03 4.41 14.72
N PRO B 39 11.00 3.86 13.49
CA PRO B 39 10.95 2.38 13.36
C PRO B 39 12.33 1.74 13.57
N THR B 40 12.37 0.70 14.42
CA THR B 40 13.61 0.00 14.69
C THR B 40 13.40 -1.50 14.78
N MET B 41 14.49 -2.23 14.79
CA MET B 41 14.41 -3.67 15.08
C MET B 41 15.02 -3.98 16.42
N GLY B 42 15.02 -3.00 17.32
CA GLY B 42 15.60 -3.20 18.65
C GLY B 42 17.12 -3.29 18.58
N ALA B 43 17.69 -3.80 19.66
CA ALA B 43 19.14 -3.79 19.85
C ALA B 43 19.64 -2.36 19.63
N LEU B 44 19.15 -1.43 20.44
CA LEU B 44 19.33 -0.02 20.14
C LEU B 44 20.77 0.45 20.38
N HIS B 45 21.25 1.28 19.47
CA HIS B 45 22.56 1.92 19.61
C HIS B 45 22.45 3.44 19.40
N GLU B 46 23.60 4.11 19.42
CA GLU B 46 23.66 5.56 19.39
C GLU B 46 23.02 6.12 18.11
N GLY B 47 23.06 5.34 17.04
CA GLY B 47 22.38 5.74 15.81
C GLY B 47 20.88 5.91 16.05
N HIS B 48 20.28 4.91 16.70
CA HIS B 48 18.85 4.96 17.00
C HIS B 48 18.55 6.13 17.93
N LEU B 49 19.44 6.38 18.90
CA LEU B 49 19.25 7.49 19.84
C LEU B 49 19.22 8.85 19.11
N ALA B 50 20.07 9.01 18.09
CA ALA B 50 20.04 10.23 17.29
C ALA B 50 18.70 10.42 16.57
N LEU B 51 18.10 9.32 16.11
CA LEU B 51 16.76 9.38 15.52
C LEU B 51 15.74 9.85 16.55
N VAL B 52 15.80 9.23 17.73
CA VAL B 52 14.94 9.62 18.85
C VAL B 52 15.08 11.10 19.19
N ARG B 53 16.31 11.59 19.32
CA ARG B 53 16.52 12.99 19.68
C ARG B 53 16.00 13.94 18.61
N ALA B 54 16.16 13.54 17.35
CA ALA B 54 15.62 14.34 16.24
C ALA B 54 14.10 14.43 16.34
N ALA B 55 13.45 13.31 16.65
CA ALA B 55 11.99 13.26 16.79
C ALA B 55 11.55 14.12 17.97
N LYS B 56 12.28 14.01 19.07
CA LYS B 56 11.89 14.71 20.29
C LYS B 56 11.88 16.22 20.15
N ARG B 57 12.79 16.75 19.34
CA ARG B 57 12.97 18.20 19.30
C ARG B 57 11.90 18.94 18.49
N VAL B 58 11.04 18.20 17.81
CA VAL B 58 9.90 18.81 17.13
C VAL B 58 8.91 19.32 18.18
N PRO B 59 8.55 20.62 18.14
CA PRO B 59 7.59 21.11 19.13
C PRO B 59 6.28 20.34 19.11
N GLY B 60 5.81 19.94 20.30
CA GLY B 60 4.58 19.18 20.41
C GLY B 60 4.76 17.68 20.25
N SER B 61 6.00 17.25 20.04
CA SER B 61 6.26 15.84 19.72
C SER B 61 5.74 14.89 20.80
N VAL B 62 5.20 13.76 20.37
CA VAL B 62 5.17 12.56 21.20
C VAL B 62 5.91 11.53 20.36
N VAL B 63 6.87 10.82 20.96
CA VAL B 63 7.72 9.92 20.17
C VAL B 63 7.27 8.49 20.33
N VAL B 64 7.01 7.84 19.20
CA VAL B 64 6.68 6.43 19.17
C VAL B 64 7.89 5.70 18.61
N VAL B 65 8.49 4.80 19.39
CA VAL B 65 9.55 3.97 18.86
C VAL B 65 9.00 2.56 18.70
N SER B 66 9.01 2.05 17.46
CA SER B 66 8.59 0.67 17.23
C SER B 66 9.80 -0.26 17.31
N ILE B 67 9.62 -1.41 17.94
CA ILE B 67 10.67 -2.41 18.01
C ILE B 67 10.04 -3.68 17.46
N PHE B 68 10.47 -4.08 16.27
CA PHE B 68 9.91 -5.23 15.61
C PHE B 68 10.91 -5.86 14.68
N VAL B 69 11.26 -7.12 14.97
CA VAL B 69 12.12 -7.87 14.08
C VAL B 69 11.21 -8.43 12.99
N ASN B 70 11.34 -7.85 11.81
CA ASN B 70 10.47 -8.15 10.70
C ASN B 70 11.03 -9.36 9.97
N PRO B 71 10.34 -10.51 10.06
CA PRO B 71 10.87 -11.71 9.42
C PRO B 71 10.92 -11.61 7.90
N MET B 72 10.09 -10.72 7.34
CA MET B 72 9.95 -10.55 5.88
C MET B 72 11.15 -9.87 5.20
N GLN B 73 11.97 -9.18 5.99
CA GLN B 73 13.18 -8.51 5.46
C GLN B 73 14.45 -9.24 5.86
N THR B 86 17.34 -7.43 22.52
CA THR B 86 17.51 -7.19 23.96
C THR B 86 16.37 -6.30 24.53
N PRO B 87 15.22 -6.93 24.85
CA PRO B 87 13.97 -6.19 25.14
C PRO B 87 14.10 -5.18 26.29
N ASP B 88 14.54 -5.65 27.44
CA ASP B 88 14.64 -4.82 28.65
C ASP B 88 15.64 -3.68 28.51
N ASP B 89 16.80 -3.97 27.92
CA ASP B 89 17.83 -2.95 27.72
C ASP B 89 17.36 -1.85 26.75
N ASP B 90 16.69 -2.24 25.68
CA ASP B 90 16.12 -1.27 24.74
C ASP B 90 15.14 -0.32 25.43
N LEU B 91 14.23 -0.87 26.23
CA LEU B 91 13.23 -0.05 26.90
C LEU B 91 13.87 0.92 27.92
N ALA B 92 14.89 0.47 28.64
CA ALA B 92 15.63 1.34 29.54
C ALA B 92 16.28 2.52 28.81
N GLN B 93 16.85 2.27 27.63
CA GLN B 93 17.42 3.34 26.82
C GLN B 93 16.38 4.36 26.40
N LEU B 94 15.18 3.87 26.06
CA LEU B 94 14.09 4.77 25.66
C LEU B 94 13.55 5.62 26.82
N ARG B 95 13.40 5.01 28.00
CA ARG B 95 13.05 5.77 29.21
C ARG B 95 14.05 6.88 29.46
N ALA B 96 15.34 6.54 29.31
CA ALA B 96 16.41 7.51 29.54
C ALA B 96 16.38 8.66 28.55
N GLU B 97 15.80 8.43 27.37
CA GLU B 97 15.64 9.47 26.34
C GLU B 97 14.34 10.26 26.47
N GLY B 98 13.47 9.88 27.39
CA GLY B 98 12.19 10.56 27.54
C GLY B 98 11.14 10.20 26.49
N VAL B 99 11.29 9.03 25.89
CA VAL B 99 10.32 8.50 24.93
C VAL B 99 9.06 8.06 25.68
N GLU B 100 7.90 8.45 25.17
CA GLU B 100 6.62 8.15 25.84
C GLU B 100 5.88 6.91 25.31
N ILE B 101 6.22 6.48 24.08
CA ILE B 101 5.56 5.30 23.52
C ILE B 101 6.54 4.31 22.88
N ALA B 102 6.48 3.04 23.30
CA ALA B 102 7.18 1.96 22.61
C ALA B 102 6.13 1.00 22.08
N PHE B 103 6.25 0.59 20.84
CA PHE B 103 5.31 -0.33 20.23
C PHE B 103 6.11 -1.60 19.93
N THR B 104 5.73 -2.68 20.62
CA THR B 104 6.49 -3.93 20.59
C THR B 104 5.62 -5.12 20.19
N PRO B 105 5.14 -5.14 18.94
CA PRO B 105 4.21 -6.19 18.52
C PRO B 105 4.88 -7.54 18.28
N THR B 106 4.10 -8.60 18.38
CA THR B 106 4.56 -9.91 17.94
C THR B 106 4.43 -10.05 16.43
N THR B 107 5.15 -11.01 15.87
CA THR B 107 5.00 -11.38 14.46
C THR B 107 3.55 -11.73 14.15
N ALA B 108 2.89 -12.49 15.04
CA ALA B 108 1.50 -12.86 14.81
C ALA B 108 0.56 -11.64 14.81
N ALA B 109 0.87 -10.62 15.60
CA ALA B 109 0.03 -9.43 15.65
C ALA B 109 0.21 -8.59 14.38
N MET B 110 1.43 -8.54 13.89
CA MET B 110 1.69 -7.79 12.65
C MET B 110 1.19 -8.55 11.42
N TYR B 111 1.27 -9.88 11.46
CA TYR B 111 0.88 -10.71 10.32
C TYR B 111 -0.17 -11.77 10.72
N PRO B 112 -1.36 -11.34 11.18
CA PRO B 112 -2.37 -12.30 11.69
C PRO B 112 -2.88 -13.24 10.62
N ASP B 113 -2.76 -12.83 9.37
CA ASP B 113 -3.14 -13.66 8.24
C ASP B 113 -1.94 -14.16 7.44
N GLY B 114 -0.74 -14.12 8.03
CA GLY B 114 0.48 -14.50 7.34
C GLY B 114 0.88 -13.51 6.26
N LEU B 115 1.80 -13.89 5.37
CA LEU B 115 2.19 -13.00 4.30
C LEU B 115 1.15 -13.12 3.20
N ARG B 116 0.50 -12.01 2.91
CA ARG B 116 -0.57 -12.03 1.93
C ARG B 116 -0.41 -10.85 0.96
N THR B 117 -1.09 -9.73 1.20
CA THR B 117 -0.85 -8.51 0.41
C THR B 117 0.50 -7.94 0.84
N THR B 118 1.35 -7.61 -0.12
CA THR B 118 2.66 -7.03 0.22
C THR B 118 2.98 -5.83 -0.69
N VAL B 119 4.05 -5.12 -0.37
CA VAL B 119 4.49 -4.00 -1.21
C VAL B 119 5.56 -4.52 -2.16
N GLN B 120 5.40 -4.18 -3.43
CA GLN B 120 6.42 -4.50 -4.42
C GLN B 120 7.19 -3.22 -4.76
N PRO B 121 8.44 -3.12 -4.29
CA PRO B 121 9.23 -1.94 -4.63
C PRO B 121 9.45 -1.79 -6.12
N GLY B 122 9.80 -0.57 -6.52
CA GLY B 122 10.31 -0.32 -7.85
C GLY B 122 11.67 -0.96 -8.08
N PRO B 123 12.21 -0.81 -9.29
CA PRO B 123 13.44 -1.51 -9.73
C PRO B 123 14.70 -1.16 -8.93
N LEU B 124 14.70 -0.01 -8.26
CA LEU B 124 15.83 0.34 -7.39
C LEU B 124 16.08 -0.76 -6.36
N ALA B 125 15.02 -1.49 -5.96
CA ALA B 125 15.15 -2.47 -4.90
C ALA B 125 16.00 -3.67 -5.30
N ALA B 126 16.22 -3.85 -6.61
CA ALA B 126 17.02 -4.97 -7.13
C ALA B 126 18.51 -4.62 -7.22
N GLU B 127 18.80 -3.33 -7.12
CA GLU B 127 20.16 -2.80 -7.27
C GLU B 127 20.89 -2.76 -5.94
N LEU B 128 22.21 -2.60 -6.00
CA LEU B 128 23.03 -2.36 -4.79
C LEU B 128 22.79 -3.42 -3.71
N GLU B 129 22.18 -3.05 -2.58
CA GLU B 129 21.87 -4.03 -1.51
C GLU B 129 20.96 -5.16 -1.98
N GLY B 130 20.14 -4.87 -3.00
CA GLY B 130 19.19 -5.85 -3.56
C GLY B 130 19.84 -6.97 -4.35
N GLY B 131 21.14 -6.81 -4.64
CA GLY B 131 21.95 -7.85 -5.28
C GLY B 131 21.96 -9.15 -4.47
N PRO B 132 22.63 -9.12 -3.31
CA PRO B 132 22.63 -10.26 -2.36
C PRO B 132 21.27 -10.53 -1.69
N ARG B 133 20.46 -9.49 -1.49
CA ARG B 133 19.18 -9.66 -0.79
C ARG B 133 18.00 -9.14 -1.62
N PRO B 134 17.63 -9.89 -2.67
CA PRO B 134 16.64 -9.41 -3.66
C PRO B 134 15.20 -9.21 -3.13
N THR B 135 14.87 -9.76 -1.97
CA THR B 135 13.53 -9.57 -1.41
C THR B 135 13.57 -8.68 -0.16
N HIS B 136 14.75 -8.19 0.22
CA HIS B 136 14.92 -7.47 1.49
C HIS B 136 14.02 -6.23 1.51
N PHE B 137 14.11 -5.43 0.45
CA PHE B 137 13.36 -4.16 0.50
C PHE B 137 11.84 -4.28 0.42
N ALA B 138 11.35 -5.33 -0.22
CA ALA B 138 9.92 -5.65 -0.19
C ALA B 138 9.46 -5.83 1.27
N GLY B 139 10.25 -6.57 2.05
CA GLY B 139 9.97 -6.71 3.48
C GLY B 139 9.96 -5.41 4.26
N VAL B 140 11.01 -4.61 4.04
CA VAL B 140 11.12 -3.31 4.69
C VAL B 140 9.93 -2.41 4.32
N LEU B 141 9.64 -2.26 3.04
CA LEU B 141 8.54 -1.36 2.65
C LEU B 141 7.21 -1.86 3.16
N THR B 142 7.02 -3.18 3.18
CA THR B 142 5.75 -3.72 3.65
C THR B 142 5.56 -3.40 5.14
N VAL B 143 6.60 -3.66 5.94
CA VAL B 143 6.44 -3.37 7.37
C VAL B 143 6.35 -1.89 7.66
N VAL B 144 7.11 -1.08 6.92
CA VAL B 144 7.04 0.37 7.10
C VAL B 144 5.66 0.91 6.74
N LEU B 145 5.07 0.43 5.64
CA LEU B 145 3.71 0.86 5.28
C LEU B 145 2.73 0.54 6.42
N LYS B 146 2.83 -0.66 6.97
CA LYS B 146 1.93 -1.08 8.05
C LYS B 146 2.11 -0.20 9.26
N LEU B 147 3.36 0.04 9.64
CA LEU B 147 3.65 0.88 10.81
C LEU B 147 3.10 2.29 10.63
N LEU B 148 3.25 2.83 9.42
CA LEU B 148 2.69 4.15 9.09
C LEU B 148 1.18 4.16 9.20
N GLN B 149 0.53 3.05 8.86
CA GLN B 149 -0.94 3.00 8.93
C GLN B 149 -1.45 2.81 10.36
N ILE B 150 -0.70 2.05 11.14
CA ILE B 150 -1.05 1.79 12.54
C ILE B 150 -0.89 3.08 13.35
N VAL B 151 0.28 3.72 13.23
CA VAL B 151 0.67 4.85 14.07
C VAL B 151 0.21 6.21 13.51
N ARG B 152 0.10 6.32 12.19
CA ARG B 152 -0.30 7.58 11.51
C ARG B 152 0.52 8.77 12.06
N PRO B 153 1.86 8.69 11.95
CA PRO B 153 2.70 9.77 12.45
C PRO B 153 2.71 10.96 11.50
N ASP B 154 3.03 12.13 12.04
CA ASP B 154 3.25 13.31 11.21
C ASP B 154 4.59 13.21 10.48
N ARG B 155 5.58 12.61 11.14
CA ARG B 155 6.92 12.43 10.56
C ARG B 155 7.46 11.07 10.97
N VAL B 156 8.26 10.50 10.09
CA VAL B 156 8.90 9.22 10.37
C VAL B 156 10.40 9.38 10.11
N PHE B 157 11.22 8.78 10.98
CA PHE B 157 12.67 9.04 11.02
C PHE B 157 13.49 7.81 10.67
N PHE B 158 14.45 8.01 9.76
CA PHE B 158 15.36 6.95 9.34
C PHE B 158 16.78 7.47 9.32
N GLY B 159 17.74 6.59 9.59
CA GLY B 159 19.13 6.97 9.46
C GLY B 159 19.58 7.06 8.01
N GLU B 160 20.51 7.97 7.75
CA GLU B 160 21.10 8.03 6.41
C GLU B 160 22.06 6.89 6.06
N LYS B 161 22.50 6.13 7.08
CA LYS B 161 23.47 5.05 6.83
C LYS B 161 22.90 4.03 5.84
N ASP B 162 21.63 3.67 6.01
CA ASP B 162 20.94 2.78 5.06
C ASP B 162 20.26 3.67 4.02
N TYR B 163 21.09 4.26 3.18
CA TYR B 163 20.59 5.32 2.31
C TYR B 163 19.61 4.78 1.26
N GLN B 164 19.92 3.63 0.69
CA GLN B 164 19.01 3.03 -0.31
C GLN B 164 17.64 2.76 0.32
N GLN B 165 17.65 2.26 1.55
CA GLN B 165 16.42 2.11 2.33
C GLN B 165 15.64 3.41 2.39
N LEU B 166 16.34 4.48 2.77
CA LEU B 166 15.71 5.80 2.91
C LEU B 166 15.09 6.25 1.59
N VAL B 167 15.84 6.10 0.51
CA VAL B 167 15.34 6.48 -0.83
C VAL B 167 14.12 5.66 -1.23
N LEU B 168 14.13 4.37 -0.92
CA LEU B 168 12.99 3.53 -1.26
C LEU B 168 11.76 3.90 -0.44
N ILE B 169 11.96 4.29 0.81
CA ILE B 169 10.86 4.78 1.68
C ILE B 169 10.29 6.07 1.10
N ARG B 170 11.15 6.97 0.63
N ARG B 170 11.17 6.96 0.64
CA ARG B 170 10.64 8.17 -0.05
CA ARG B 170 10.72 8.16 -0.06
C ARG B 170 9.87 7.83 -1.31
C ARG B 170 9.86 7.79 -1.26
N GLN B 171 10.29 6.79 -2.03
CA GLN B 171 9.51 6.31 -3.20
C GLN B 171 8.14 5.78 -2.75
N LEU B 172 8.12 4.99 -1.69
CA LEU B 172 6.87 4.45 -1.12
C LEU B 172 5.87 5.57 -0.82
N VAL B 173 6.35 6.59 -0.10
CA VAL B 173 5.53 7.70 0.35
C VAL B 173 4.98 8.51 -0.82
N ALA B 174 5.81 8.77 -1.83
CA ALA B 174 5.36 9.51 -3.00
C ALA B 174 4.38 8.66 -3.81
N ASP B 175 4.74 7.39 -4.04
CA ASP B 175 4.00 6.54 -4.97
C ASP B 175 2.60 6.17 -4.47
N PHE B 176 2.47 6.06 -3.14
CA PHE B 176 1.18 5.67 -2.55
C PHE B 176 0.48 6.86 -1.92
N ASN B 177 0.99 8.07 -2.18
CA ASN B 177 0.35 9.29 -1.71
C ASN B 177 0.21 9.38 -0.18
N LEU B 178 1.21 8.84 0.54
CA LEU B 178 1.16 8.87 2.01
C LEU B 178 1.35 10.27 2.59
N ASP B 179 0.59 10.57 3.65
CA ASP B 179 0.60 11.89 4.26
C ASP B 179 1.51 11.83 5.47
N VAL B 180 2.80 11.72 5.21
CA VAL B 180 3.80 11.69 6.27
C VAL B 180 5.05 12.33 5.69
N ALA B 181 5.79 13.06 6.54
CA ALA B 181 7.09 13.61 6.16
C ALA B 181 8.16 12.59 6.53
N VAL B 182 9.01 12.26 5.57
CA VAL B 182 10.13 11.35 5.82
C VAL B 182 11.34 12.19 6.17
N VAL B 183 11.97 11.88 7.31
CA VAL B 183 13.12 12.64 7.78
C VAL B 183 14.34 11.74 7.82
N GLY B 184 15.35 12.08 7.02
CA GLY B 184 16.63 11.36 7.07
C GLY B 184 17.57 12.03 8.06
N VAL B 185 18.17 11.23 8.94
CA VAL B 185 19.04 11.77 9.99
C VAL B 185 20.50 11.39 9.68
N PRO B 186 21.43 12.37 9.68
CA PRO B 186 22.84 12.10 9.35
C PRO B 186 23.42 10.99 10.20
N THR B 187 24.26 10.17 9.57
CA THR B 187 24.81 8.99 10.20
C THR B 187 25.66 9.32 11.44
N VAL B 188 25.36 8.65 12.54
CA VAL B 188 26.22 8.73 13.73
C VAL B 188 27.44 7.82 13.51
N ARG B 189 28.60 8.32 13.93
CA ARG B 189 29.87 7.62 13.67
C ARG B 189 30.69 7.47 14.94
N GLU B 190 31.46 6.39 15.00
CA GLU B 190 32.47 6.25 16.05
C GLU B 190 33.55 7.31 15.86
N ALA B 191 34.46 7.42 16.83
CA ALA B 191 35.43 8.51 16.83
C ALA B 191 36.35 8.51 15.61
N ASP B 192 36.61 7.34 15.03
CA ASP B 192 37.46 7.25 13.84
C ASP B 192 36.68 7.32 12.54
N GLY B 193 35.37 7.47 12.64
CA GLY B 193 34.53 7.60 11.45
C GLY B 193 33.66 6.42 11.10
N LEU B 194 33.90 5.27 11.72
CA LEU B 194 33.11 4.07 11.39
C LEU B 194 31.63 4.33 11.67
N ALA B 195 30.80 4.13 10.66
CA ALA B 195 29.36 4.31 10.85
C ALA B 195 28.83 3.37 11.93
N MET B 196 27.95 3.87 12.78
CA MET B 196 27.34 3.01 13.80
C MET B 196 26.57 1.84 13.19
N SER B 197 26.70 0.67 13.81
CA SER B 197 26.01 -0.54 13.39
C SER B 197 26.10 -1.58 14.49
N SER B 198 25.03 -2.36 14.62
CA SER B 198 25.03 -3.48 15.56
C SER B 198 26.08 -4.53 15.17
N ARG B 199 26.55 -4.48 13.93
CA ARG B 199 27.53 -5.45 13.43
C ARG B 199 28.97 -5.13 13.77
N ASN B 200 29.23 -3.90 14.23
CA ASN B 200 30.62 -3.47 14.43
C ASN B 200 31.33 -4.30 15.49
N ARG B 201 30.59 -4.71 16.51
CA ARG B 201 31.16 -5.51 17.62
C ARG B 201 31.66 -6.88 17.18
N TYR B 202 31.18 -7.37 16.04
CA TYR B 202 31.64 -8.66 15.53
C TYR B 202 33.03 -8.65 14.91
N LEU B 203 33.54 -7.46 14.61
CA LEU B 203 34.83 -7.32 13.94
C LEU B 203 35.96 -7.62 14.90
N ASP B 204 36.90 -8.46 14.49
CA ASP B 204 38.10 -8.62 15.31
C ASP B 204 39.02 -7.40 15.17
N PRO B 205 40.08 -7.30 15.99
CA PRO B 205 40.87 -6.06 15.95
C PRO B 205 41.41 -5.70 14.56
N ALA B 206 41.87 -6.69 13.80
CA ALA B 206 42.39 -6.42 12.47
C ALA B 206 41.29 -5.90 11.56
N GLN B 207 40.13 -6.53 11.64
CA GLN B 207 38.98 -6.16 10.82
C GLN B 207 38.49 -4.78 11.23
N ARG B 208 38.44 -4.54 12.55
CA ARG B 208 37.98 -3.25 13.05
C ARG B 208 38.89 -2.12 12.59
N ALA B 209 40.20 -2.37 12.59
CA ALA B 209 41.14 -1.36 12.07
C ALA B 209 40.93 -1.13 10.57
N ALA B 210 40.77 -2.22 9.82
CA ALA B 210 40.58 -2.12 8.37
C ALA B 210 39.28 -1.42 8.01
N ALA B 211 38.27 -1.60 8.87
CA ALA B 211 36.91 -1.07 8.64
C ALA B 211 36.84 0.44 8.50
N VAL B 212 37.82 1.14 9.07
CA VAL B 212 37.90 2.60 8.98
C VAL B 212 38.03 3.03 7.49
N ALA B 213 38.52 2.13 6.64
CA ALA B 213 38.70 2.43 5.20
C ALA B 213 37.40 2.86 4.51
N LEU B 214 36.24 2.35 4.95
CA LEU B 214 34.99 2.74 4.29
C LEU B 214 34.75 4.23 4.45
N SER B 215 34.74 4.70 5.69
CA SER B 215 34.44 6.10 5.93
C SER B 215 35.56 6.97 5.41
N ALA B 216 36.80 6.51 5.57
CA ALA B 216 37.94 7.31 5.07
C ALA B 216 37.89 7.46 3.56
N ALA B 217 37.44 6.40 2.87
CA ALA B 217 37.36 6.43 1.41
C ALA B 217 36.31 7.43 0.98
N LEU B 218 35.18 7.44 1.70
CA LEU B 218 34.06 8.34 1.35
C LEU B 218 34.38 9.81 1.59
N THR B 219 34.97 10.11 2.75
CA THR B 219 35.34 11.48 3.07
C THR B 219 36.46 11.94 2.12
N ALA B 220 37.41 11.06 1.81
CA ALA B 220 38.45 11.41 0.81
C ALA B 220 37.77 11.81 -0.49
N ALA B 221 36.83 10.98 -0.95
CA ALA B 221 36.11 11.23 -2.20
C ALA B 221 35.37 12.56 -2.16
N ALA B 222 34.71 12.86 -1.04
CA ALA B 222 33.90 14.08 -0.93
C ALA B 222 34.78 15.31 -1.16
N HIS B 223 36.01 15.23 -0.64
CA HIS B 223 36.94 16.36 -0.80
C HIS B 223 37.69 16.36 -2.15
N ALA B 224 37.95 15.17 -2.69
CA ALA B 224 38.55 15.03 -4.02
C ALA B 224 37.61 15.56 -5.12
N ALA B 225 36.31 15.63 -4.80
CA ALA B 225 35.25 15.90 -5.79
C ALA B 225 35.37 17.27 -6.48
N THR B 226 36.12 18.20 -5.90
CA THR B 226 36.40 19.47 -6.58
C THR B 226 37.10 19.23 -7.92
N ALA B 227 37.80 18.09 -8.02
CA ALA B 227 38.50 17.70 -9.26
C ALA B 227 37.68 16.81 -10.20
N GLY B 228 36.43 16.56 -9.83
CA GLY B 228 35.47 15.86 -10.69
C GLY B 228 35.09 14.49 -10.19
N ALA B 229 34.12 13.88 -10.87
CA ALA B 229 33.55 12.58 -10.43
C ALA B 229 34.58 11.48 -10.44
N GLN B 230 35.38 11.43 -11.50
CA GLN B 230 36.36 10.37 -11.62
C GLN B 230 37.38 10.46 -10.49
N ALA B 231 37.86 11.67 -10.22
CA ALA B 231 38.81 11.88 -9.12
C ALA B 231 38.23 11.40 -7.80
N ALA B 232 36.96 11.70 -7.56
CA ALA B 232 36.28 11.26 -6.32
C ALA B 232 36.27 9.73 -6.24
N LEU B 233 35.82 9.08 -7.31
CA LEU B 233 35.76 7.62 -7.32
C LEU B 233 37.15 7.00 -7.17
N ASP B 234 38.13 7.56 -7.86
CA ASP B 234 39.48 6.98 -7.82
C ASP B 234 40.10 7.15 -6.44
N ALA B 235 39.85 8.29 -5.80
CA ALA B 235 40.35 8.53 -4.42
C ALA B 235 39.75 7.51 -3.46
N ALA B 236 38.43 7.31 -3.55
CA ALA B 236 37.77 6.34 -2.69
C ALA B 236 38.33 4.94 -2.93
N ARG B 237 38.46 4.57 -4.20
CA ARG B 237 39.03 3.23 -4.50
C ARG B 237 40.44 3.05 -3.95
N ALA B 238 41.27 4.09 -4.03
CA ALA B 238 42.64 4.01 -3.49
C ALA B 238 42.67 3.72 -1.99
N VAL B 239 41.77 4.36 -1.24
CA VAL B 239 41.72 4.17 0.22
C VAL B 239 41.27 2.74 0.54
N LEU B 240 40.22 2.27 -0.14
CA LEU B 240 39.77 0.88 0.03
C LEU B 240 40.88 -0.10 -0.37
N ASP B 241 41.61 0.24 -1.43
CA ASP B 241 42.75 -0.61 -1.88
C ASP B 241 43.91 -0.70 -0.87
N ALA B 242 43.99 0.26 0.06
CA ALA B 242 45.04 0.28 1.10
C ALA B 242 44.70 -0.60 2.31
N ALA B 243 43.50 -1.19 2.30
CA ALA B 243 43.02 -1.98 3.43
C ALA B 243 43.09 -3.48 3.17
N PRO B 244 43.60 -4.25 4.15
CA PRO B 244 43.57 -5.69 3.97
C PRO B 244 42.24 -6.30 4.43
N GLY B 245 41.84 -7.39 3.77
CA GLY B 245 40.64 -8.16 4.15
C GLY B 245 39.32 -7.43 4.01
N VAL B 246 39.28 -6.45 3.11
CA VAL B 246 38.06 -5.67 2.81
C VAL B 246 37.59 -5.99 1.40
N ALA B 247 36.58 -6.85 1.31
CA ALA B 247 36.09 -7.30 0.01
C ALA B 247 34.96 -6.39 -0.41
N VAL B 248 35.26 -5.48 -1.33
CA VAL B 248 34.27 -4.47 -1.73
C VAL B 248 33.21 -5.06 -2.64
N ASP B 249 31.95 -4.98 -2.22
CA ASP B 249 30.87 -5.47 -3.06
C ASP B 249 30.47 -4.45 -4.12
N TYR B 250 30.41 -3.18 -3.72
CA TYR B 250 30.21 -2.11 -4.71
C TYR B 250 30.73 -0.78 -4.17
N LEU B 251 31.07 0.09 -5.10
CA LEU B 251 31.42 1.46 -4.82
C LEU B 251 30.82 2.25 -5.99
N GLU B 252 29.73 2.96 -5.73
CA GLU B 252 28.99 3.62 -6.80
C GLU B 252 28.60 5.05 -6.47
N LEU B 253 28.78 5.92 -7.46
CA LEU B 253 28.36 7.30 -7.37
C LEU B 253 27.05 7.43 -8.14
N ARG B 254 26.02 7.90 -7.46
CA ARG B 254 24.69 8.02 -8.06
C ARG B 254 24.12 9.41 -7.79
N ASP B 255 23.01 9.75 -8.42
CA ASP B 255 22.36 11.00 -8.02
C ASP B 255 21.71 10.79 -6.65
N ILE B 256 21.16 11.86 -6.06
CA ILE B 256 20.64 11.74 -4.70
C ILE B 256 19.41 10.83 -4.56
N GLY B 257 18.71 10.60 -5.68
CA GLY B 257 17.57 9.67 -5.69
C GLY B 257 17.99 8.28 -6.17
N LEU B 258 19.31 8.11 -6.33
CA LEU B 258 19.94 6.85 -6.76
C LEU B 258 19.78 6.45 -8.22
N GLY B 259 19.32 7.39 -9.03
CA GLY B 259 19.47 7.27 -10.48
C GLY B 259 20.91 7.54 -10.90
N PRO B 260 21.17 7.57 -12.21
CA PRO B 260 22.52 7.84 -12.69
C PRO B 260 22.98 9.24 -12.30
N MET B 261 24.26 9.34 -11.94
CA MET B 261 24.86 10.60 -11.57
C MET B 261 24.86 11.57 -12.76
N PRO B 262 24.33 12.79 -12.54
CA PRO B 262 24.40 13.82 -13.58
C PRO B 262 25.82 14.33 -13.81
N LEU B 263 26.03 15.05 -14.90
CA LEU B 263 27.35 15.62 -15.24
C LEU B 263 27.94 16.48 -14.12
N ASN B 264 27.10 17.36 -13.56
CA ASN B 264 27.45 18.11 -12.36
C ASN B 264 26.28 18.12 -11.38
N GLY B 265 26.50 18.64 -10.18
CA GLY B 265 25.45 18.75 -9.18
C GLY B 265 25.67 17.80 -8.01
N SER B 266 24.60 17.53 -7.29
CA SER B 266 24.66 16.73 -6.07
C SER B 266 24.54 15.25 -6.38
N GLY B 267 25.29 14.46 -5.62
CA GLY B 267 25.16 13.03 -5.73
C GLY B 267 25.37 12.35 -4.40
N ARG B 268 25.44 11.03 -4.47
CA ARG B 268 25.68 10.22 -3.29
C ARG B 268 26.64 9.11 -3.69
N LEU B 269 27.68 8.93 -2.86
CA LEU B 269 28.63 7.84 -3.06
C LEU B 269 28.36 6.77 -2.02
N LEU B 270 28.12 5.54 -2.50
CA LEU B 270 27.75 4.41 -1.62
C LEU B 270 28.79 3.31 -1.72
N VAL B 271 29.08 2.67 -0.59
CA VAL B 271 30.01 1.54 -0.58
C VAL B 271 29.44 0.42 0.30
N ALA B 272 29.73 -0.82 -0.06
CA ALA B 272 29.44 -1.93 0.83
C ALA B 272 30.60 -2.88 0.71
N ALA B 273 30.95 -3.51 1.83
CA ALA B 273 32.07 -4.46 1.82
C ALA B 273 31.87 -5.53 2.85
N ARG B 274 32.53 -6.66 2.60
CA ARG B 274 32.54 -7.78 3.56
C ARG B 274 33.91 -7.90 4.21
N LEU B 275 33.90 -7.95 5.54
CA LEU B 275 35.11 -8.19 6.32
C LEU B 275 34.89 -9.48 7.06
N GLY B 276 35.54 -10.55 6.60
CA GLY B 276 35.24 -11.89 7.13
C GLY B 276 33.81 -12.21 6.75
N THR B 277 32.94 -12.43 7.75
CA THR B 277 31.52 -12.71 7.50
C THR B 277 30.62 -11.50 7.75
N THR B 278 31.23 -10.36 8.08
CA THR B 278 30.49 -9.16 8.48
C THR B 278 30.38 -8.17 7.32
N ARG B 279 29.15 -7.82 6.94
CA ARG B 279 28.89 -6.86 5.86
C ARG B 279 28.66 -5.47 6.45
N LEU B 280 29.40 -4.50 5.90
CA LEU B 280 29.31 -3.12 6.36
C LEU B 280 28.91 -2.25 5.19
N LEU B 281 28.14 -1.19 5.49
CA LEU B 281 27.70 -0.23 4.46
C LEU B 281 28.02 1.17 4.93
N ASP B 282 28.24 2.08 3.98
CA ASP B 282 28.37 3.50 4.30
C ASP B 282 28.10 4.27 3.01
N ASN B 283 27.88 5.57 3.18
CA ASN B 283 27.60 6.45 2.06
C ASN B 283 27.82 7.91 2.47
N ILE B 284 27.99 8.77 1.47
CA ILE B 284 28.22 10.19 1.72
C ILE B 284 27.67 11.07 0.62
N ALA B 285 27.27 12.29 0.99
CA ALA B 285 26.93 13.32 0.01
C ALA B 285 28.18 13.71 -0.77
N ILE B 286 28.01 13.87 -2.08
CA ILE B 286 29.08 14.34 -2.96
C ILE B 286 28.54 15.53 -3.77
N GLU B 287 29.35 16.58 -3.89
CA GLU B 287 29.01 17.71 -4.77
C GLU B 287 30.07 17.80 -5.84
N ILE B 288 29.68 17.65 -7.11
CA ILE B 288 30.67 17.57 -8.19
C ILE B 288 31.20 18.91 -8.68
N GLY B 289 32.46 19.19 -8.32
CA GLY B 289 33.14 20.41 -8.73
C GLY B 289 32.96 21.57 -7.76
CAA BZ3 C . -24.55 -2.06 -5.74
CAB BZ3 C . -19.96 -1.40 -10.11
CAC BZ3 C . -23.93 -3.47 -9.11
CAD BZ3 C . -20.47 -1.07 -8.87
CAE BZ3 C . -22.98 -3.40 -10.14
CAF BZ3 C . -22.62 -1.90 -7.78
NAG BZ3 C . -20.78 -2.28 -10.73
OAH BZ3 C . -24.69 -2.82 -6.94
CAI BZ3 C . -23.74 -2.74 -7.94
CAJ BZ3 C . -21.68 -1.84 -8.81
CAK BZ3 C . -21.86 -2.57 -9.97
S SO4 D . -19.09 -2.13 -13.93
O1 SO4 D . -18.91 -2.89 -15.15
O2 SO4 D . -20.15 -2.74 -13.15
O3 SO4 D . -17.83 -2.22 -13.19
O4 SO4 D . -19.42 -0.75 -14.21
S SO4 E . -24.35 3.97 10.51
O1 SO4 E . -24.64 2.54 10.67
O2 SO4 E . -25.48 4.76 11.00
O3 SO4 E . -23.15 4.31 11.28
O4 SO4 E . -24.13 4.27 9.09
C1 GOL F . -10.59 0.77 -8.88
O1 GOL F . -10.33 1.36 -10.13
C2 GOL F . -11.74 -0.23 -8.97
O2 GOL F . -12.89 0.44 -9.47
C3 GOL F . -11.28 -1.37 -9.89
O3 GOL F . -12.30 -1.95 -10.68
C1 GOL G . 3.97 6.22 -9.15
O1 GOL G . 3.66 6.98 -10.33
C2 GOL G . 2.82 5.42 -8.48
O2 GOL G . 1.54 5.97 -8.63
C3 GOL G . 2.81 3.94 -8.85
O3 GOL G . 4.07 3.37 -8.58
C1 EOH H . 6.42 -2.51 -10.25
C2 EOH H . 6.40 -2.65 -8.73
O EOH H . 7.50 -1.69 -10.66
C1 EOH I . 9.61 10.98 -15.04
C2 EOH I . 9.33 9.58 -15.56
O EOH I . 9.38 11.04 -13.65
C1 EOH J . 0.10 2.86 -15.80
C2 EOH J . 1.30 3.65 -15.30
O EOH J . -0.06 1.71 -15.01
CAA BZ3 K . 21.45 8.41 12.60
CAB BZ3 K . 20.26 2.14 12.15
CAC BZ3 K . 23.52 5.37 12.17
CAD BZ3 K . 19.78 3.42 12.37
CAE BZ3 K . 23.38 3.99 12.01
CAF BZ3 K . 21.11 5.59 12.48
NAG BZ3 K . 21.63 2.16 11.99
OAH BZ3 K . 22.58 7.51 12.55
CAI BZ3 K . 22.39 6.16 12.40
CAJ BZ3 K . 20.98 4.20 12.34
CAK BZ3 K . 22.10 3.42 12.09
S SO4 L . 22.32 -1.53 12.04
O1 SO4 L . 20.94 -1.76 11.65
O2 SO4 L . 22.41 -1.38 13.48
O3 SO4 L . 23.12 -2.70 11.63
O4 SO4 L . 22.87 -0.37 11.33
S SO4 M . 31.88 -7.66 22.57
O1 SO4 M . 31.90 -8.50 21.37
O2 SO4 M . 30.54 -7.11 22.77
O3 SO4 M . 32.23 -8.47 23.73
O4 SO4 M . 32.84 -6.57 22.41
C1 GOL N . 11.90 -1.57 9.12
O1 GOL N . 12.04 -2.82 9.77
C2 GOL N . 13.22 -0.80 9.06
O2 GOL N . 14.25 -1.62 8.55
C3 GOL N . 13.56 -0.31 10.46
O3 GOL N . 14.87 0.21 10.50
#